data_3S8H
#
_entry.id   3S8H
#
_cell.length_a   81.459
_cell.length_b   81.940
_cell.length_c   82.480
_cell.angle_alpha   90.00
_cell.angle_beta   90.00
_cell.angle_gamma   90.00
#
_symmetry.space_group_name_H-M   'P 21 21 21'
#
loop_
_entity.id
_entity.type
_entity.pdbx_description
1 polymer 'Dihydrodipicolinate synthase'
2 non-polymer '3-HYDROXY-PROPANOIC ACID'
3 water water
#
_entity_poly.entity_id   1
_entity_poly.type   'polypeptide(L)'
_entity_poly.pdbx_seq_one_letter_code
;MIAGSMVALVTPFDAQGRLDWDSLAKLVDFHLQDGTNAIVAVGTTGESATLDVEEHIQVVRRVVDQVKGRIPVIAGTGAN
STREAVALTEAAKSGGADACLLVTPYYNKPTQEGMYQHFRHIAEAVAIPQILYNVPGRTSCDMLPETVERLSKVPNIIGI
KEATGDLQRAKEVIERVGKDFLVYSGDDATAVELMLLGGKGNISVTANVAPRAMSDLCAAAMRGDAAAARAINDRLMPLH
KALFIESNPIPVKWALHEMGLIPEGIRLPLTWLSPHCHDPLRQAMRQTGVLA
;
_entity_poly.pdbx_strand_id   A,B
#
loop_
_chem_comp.id
_chem_comp.type
_chem_comp.name
_chem_comp.formula
3OH non-polymer '3-HYDROXY-PROPANOIC ACID' 'C3 H6 O3'
#
# COMPACT_ATOMS: atom_id res chain seq x y z
N MET A 1 23.96 -13.37 -13.66
CA MET A 1 23.24 -14.61 -14.04
C MET A 1 21.69 -14.51 -13.85
N ILE A 2 21.17 -13.31 -13.56
CA ILE A 2 19.73 -13.06 -13.27
C ILE A 2 18.74 -12.78 -14.44
N ALA A 3 18.10 -13.83 -14.96
CA ALA A 3 17.15 -13.68 -16.08
C ALA A 3 16.40 -14.97 -16.45
N GLY A 4 15.46 -14.85 -17.38
CA GLY A 4 14.67 -16.01 -17.78
C GLY A 4 13.44 -16.21 -16.90
N SER A 5 13.18 -17.46 -16.51
CA SER A 5 12.03 -17.74 -15.66
C SER A 5 12.42 -17.65 -14.18
N MET A 6 11.87 -16.66 -13.50
CA MET A 6 12.17 -16.41 -12.10
C MET A 6 10.91 -16.58 -11.27
N VAL A 7 10.79 -17.70 -10.54
CA VAL A 7 9.57 -17.92 -9.77
C VAL A 7 9.43 -16.93 -8.66
N ALA A 8 8.21 -16.42 -8.53
CA ALA A 8 7.85 -15.48 -7.48
C ALA A 8 7.33 -16.44 -6.43
N LEU A 9 8.26 -16.97 -5.63
CA LEU A 9 7.95 -17.97 -4.63
C LEU A 9 7.04 -17.55 -3.49
N VAL A 10 6.17 -18.50 -3.19
CA VAL A 10 5.15 -18.40 -2.18
C VAL A 10 5.83 -18.76 -0.86
N THR A 11 5.24 -18.37 0.26
CA THR A 11 5.83 -18.74 1.54
C THR A 11 4.83 -19.72 2.14
N PRO A 12 5.23 -20.98 2.30
CA PRO A 12 4.26 -21.93 2.85
C PRO A 12 4.09 -21.81 4.35
N PHE A 13 2.84 -21.79 4.78
CA PHE A 13 2.50 -21.73 6.20
C PHE A 13 1.75 -23.03 6.52
N ASP A 14 1.84 -23.49 7.76
CA ASP A 14 1.09 -24.67 8.14
C ASP A 14 -0.30 -24.15 8.46
N ALA A 15 -1.20 -25.08 8.80
CA ALA A 15 -2.59 -24.78 9.14
C ALA A 15 -2.74 -23.65 10.17
N GLN A 16 -1.75 -23.53 11.00
CA GLN A 16 -1.75 -22.52 12.04
C GLN A 16 -1.26 -21.19 11.54
N GLY A 17 -0.74 -21.21 10.33
CA GLY A 17 -0.18 -20.00 9.79
C GLY A 17 1.30 -19.85 10.09
N ARG A 18 1.88 -20.77 10.88
CA ARG A 18 3.32 -20.71 11.21
C ARG A 18 4.15 -21.16 10.00
N LEU A 19 5.33 -20.57 9.83
CA LEU A 19 6.18 -20.96 8.72
C LEU A 19 6.51 -22.46 8.70
N ASP A 20 6.48 -23.06 7.51
CA ASP A 20 6.76 -24.49 7.34
C ASP A 20 8.00 -24.71 6.51
N TRP A 21 9.14 -24.92 7.16
CA TRP A 21 10.40 -25.11 6.45
C TRP A 21 10.46 -26.37 5.60
N ASP A 22 9.78 -27.44 6.01
CA ASP A 22 9.85 -28.63 5.19
C ASP A 22 9.34 -28.28 3.77
N SER A 23 8.14 -27.69 3.67
CA SER A 23 7.56 -27.30 2.35
C SER A 23 8.43 -26.30 1.62
N LEU A 24 9.05 -25.41 2.36
CA LEU A 24 9.90 -24.41 1.75
C LEU A 24 11.01 -25.12 0.97
N ALA A 25 11.60 -26.14 1.59
CA ALA A 25 12.68 -26.91 0.96
C ALA A 25 12.25 -27.68 -0.28
N LYS A 26 11.07 -28.29 -0.27
CA LYS A 26 10.61 -29.02 -1.45
C LYS A 26 10.36 -28.08 -2.61
N LEU A 27 9.86 -26.89 -2.33
CA LEU A 27 9.58 -25.93 -3.39
C LEU A 27 10.90 -25.48 -4.01
N VAL A 28 11.94 -25.39 -3.19
CA VAL A 28 13.24 -24.99 -3.71
C VAL A 28 13.76 -26.18 -4.53
N ASP A 29 13.84 -27.38 -3.96
CA ASP A 29 14.30 -28.54 -4.74
C ASP A 29 13.47 -28.68 -6.01
N PHE A 30 12.17 -28.42 -5.90
CA PHE A 30 11.28 -28.47 -7.04
C PHE A 30 11.81 -27.58 -8.16
N HIS A 31 12.16 -26.34 -7.80
CA HIS A 31 12.69 -25.38 -8.77
C HIS A 31 14.16 -25.60 -9.09
N LEU A 32 14.86 -26.34 -8.25
CA LEU A 32 16.26 -26.59 -8.52
C LEU A 32 16.31 -27.73 -9.51
N GLN A 33 15.29 -28.59 -9.42
CA GLN A 33 15.19 -29.73 -10.29
C GLN A 33 14.54 -29.46 -11.63
N ASP A 34 13.44 -28.71 -11.63
CA ASP A 34 12.75 -28.47 -12.88
C ASP A 34 13.19 -27.33 -13.79
N GLY A 35 14.36 -26.75 -13.53
CA GLY A 35 14.85 -25.70 -14.41
C GLY A 35 14.68 -24.21 -14.14
N THR A 36 14.07 -23.83 -13.03
CA THR A 36 13.88 -22.42 -12.72
C THR A 36 15.24 -21.73 -12.73
N ASN A 37 15.31 -20.52 -13.29
CA ASN A 37 16.56 -19.76 -13.39
C ASN A 37 16.86 -18.98 -12.11
N ALA A 38 15.83 -18.40 -11.51
CA ALA A 38 16.02 -17.66 -10.27
C ALA A 38 14.83 -17.86 -9.35
N ILE A 39 15.02 -17.55 -8.07
CA ILE A 39 13.95 -17.65 -7.12
C ILE A 39 13.80 -16.29 -6.47
N VAL A 40 12.63 -15.71 -6.55
CA VAL A 40 12.39 -14.46 -5.85
C VAL A 40 11.75 -14.85 -4.52
N ALA A 41 12.44 -14.63 -3.41
CA ALA A 41 11.88 -15.00 -2.13
C ALA A 41 11.27 -13.78 -1.45
N VAL A 42 10.20 -14.02 -0.71
CA VAL A 42 9.54 -12.99 0.08
C VAL A 42 9.12 -11.72 -0.66
N GLY A 43 8.54 -11.89 -1.84
CA GLY A 43 8.02 -10.76 -2.59
C GLY A 43 6.52 -10.76 -2.36
N THR A 44 5.77 -10.24 -3.32
CA THR A 44 4.31 -10.17 -3.21
C THR A 44 3.59 -11.51 -3.08
N THR A 45 3.95 -12.44 -3.95
CA THR A 45 3.37 -13.79 -3.97
C THR A 45 3.81 -14.55 -2.72
N GLY A 46 4.90 -14.09 -2.12
CA GLY A 46 5.40 -14.70 -0.90
C GLY A 46 4.80 -14.06 0.33
N GLU A 47 3.76 -13.26 0.13
CA GLU A 47 3.07 -12.57 1.23
C GLU A 47 3.99 -11.73 2.11
N SER A 48 4.74 -10.84 1.50
CA SER A 48 5.68 -10.00 2.22
C SER A 48 5.00 -9.19 3.32
N ALA A 49 3.80 -8.71 3.02
CA ALA A 49 3.03 -7.90 3.94
C ALA A 49 2.85 -8.47 5.34
N THR A 50 2.56 -9.77 5.43
CA THR A 50 2.30 -10.41 6.73
C THR A 50 3.44 -11.23 7.35
N LEU A 51 4.69 -10.82 7.12
CA LEU A 51 5.85 -11.51 7.69
C LEU A 51 6.64 -10.57 8.60
N ASP A 52 7.05 -11.06 9.77
CA ASP A 52 7.88 -10.28 10.71
C ASP A 52 9.12 -9.95 9.93
N VAL A 53 9.92 -9.01 10.43
CA VAL A 53 11.18 -8.71 9.77
C VAL A 53 12.03 -9.97 9.98
N GLU A 54 11.80 -10.60 11.13
CA GLU A 54 12.46 -11.83 11.55
C GLU A 54 12.16 -13.04 10.64
N GLU A 55 10.90 -13.30 10.33
CA GLU A 55 10.52 -14.40 9.42
C GLU A 55 11.11 -14.13 8.02
N HIS A 56 11.04 -12.87 7.64
CA HIS A 56 11.55 -12.36 6.37
C HIS A 56 13.02 -12.70 6.08
N ILE A 57 13.94 -12.37 6.99
CA ILE A 57 15.32 -12.73 6.72
C ILE A 57 15.46 -14.23 6.83
N GLN A 58 14.80 -14.86 7.81
CA GLN A 58 14.95 -16.30 7.89
C GLN A 58 14.48 -17.03 6.65
N VAL A 59 13.49 -16.50 5.93
CA VAL A 59 13.11 -17.17 4.71
C VAL A 59 14.20 -16.92 3.67
N VAL A 60 14.76 -15.70 3.64
CA VAL A 60 15.80 -15.45 2.67
C VAL A 60 16.98 -16.37 2.93
N ARG A 61 17.42 -16.43 4.19
CA ARG A 61 18.56 -17.24 4.55
C ARG A 61 18.44 -18.73 4.24
N ARG A 62 17.26 -19.32 4.42
CA ARG A 62 17.13 -20.73 4.15
C ARG A 62 17.03 -21.06 2.68
N VAL A 63 16.61 -20.10 1.87
CA VAL A 63 16.50 -20.34 0.45
C VAL A 63 17.93 -20.17 -0.06
N VAL A 64 18.61 -19.13 0.41
CA VAL A 64 19.99 -18.90 0.01
C VAL A 64 20.88 -20.10 0.43
N ASP A 65 20.78 -20.57 1.67
CA ASP A 65 21.62 -21.70 2.09
C ASP A 65 21.27 -22.97 1.35
N GLN A 66 20.00 -23.11 0.97
CA GLN A 66 19.62 -24.30 0.25
C GLN A 66 20.04 -24.27 -1.21
N VAL A 67 20.11 -23.08 -1.79
CA VAL A 67 20.45 -22.97 -3.20
C VAL A 67 21.96 -23.10 -3.47
N LYS A 68 22.78 -22.69 -2.50
CA LYS A 68 24.24 -22.78 -2.61
C LYS A 68 24.90 -22.21 -3.86
N GLY A 69 24.44 -21.06 -4.33
CA GLY A 69 25.04 -20.42 -5.50
C GLY A 69 24.64 -21.03 -6.82
N ARG A 70 23.84 -22.08 -6.80
CA ARG A 70 23.49 -22.73 -8.06
C ARG A 70 22.56 -21.87 -8.89
N ILE A 71 21.84 -20.99 -8.22
CA ILE A 71 20.87 -20.13 -8.90
C ILE A 71 20.73 -18.83 -8.09
N PRO A 72 20.38 -17.73 -8.76
CA PRO A 72 20.24 -16.49 -8.03
C PRO A 72 19.02 -16.50 -7.11
N VAL A 73 19.12 -15.83 -5.97
CA VAL A 73 18.02 -15.73 -5.02
C VAL A 73 17.83 -14.25 -4.78
N ILE A 74 16.70 -13.75 -5.26
CA ILE A 74 16.34 -12.34 -5.16
C ILE A 74 15.31 -12.16 -4.05
N ALA A 75 15.59 -11.25 -3.11
CA ALA A 75 14.67 -11.00 -1.99
C ALA A 75 13.80 -9.75 -2.14
N GLY A 76 12.53 -9.87 -1.81
CA GLY A 76 11.66 -8.71 -1.86
C GLY A 76 12.04 -7.83 -0.70
N THR A 77 12.33 -6.55 -0.96
CA THR A 77 12.69 -5.65 0.14
C THR A 77 12.17 -4.23 -0.02
N GLY A 78 11.14 -4.08 -0.84
CA GLY A 78 10.55 -2.76 -1.01
C GLY A 78 9.69 -2.45 0.20
N ALA A 79 9.42 -1.16 0.41
CA ALA A 79 8.60 -0.68 1.52
C ALA A 79 8.14 0.71 1.13
N ASN A 80 7.07 1.22 1.73
CA ASN A 80 6.63 2.54 1.31
C ASN A 80 7.27 3.67 2.12
N SER A 81 8.34 3.32 2.83
CA SER A 81 9.13 4.24 3.66
C SER A 81 10.58 4.02 3.22
N THR A 82 11.27 5.04 2.76
CA THR A 82 12.64 4.85 2.27
C THR A 82 13.62 4.26 3.30
N ARG A 83 13.43 4.62 4.57
CA ARG A 83 14.31 4.11 5.63
C ARG A 83 14.17 2.59 5.79
N GLU A 84 12.92 2.13 5.77
CA GLU A 84 12.61 0.72 5.92
C GLU A 84 13.08 -0.12 4.73
N ALA A 85 13.02 0.48 3.54
CA ALA A 85 13.49 -0.22 2.35
C ALA A 85 14.99 -0.43 2.49
N VAL A 86 15.69 0.57 3.04
CA VAL A 86 17.12 0.44 3.23
C VAL A 86 17.41 -0.72 4.16
N ALA A 87 16.77 -0.68 5.33
CA ALA A 87 16.94 -1.69 6.37
C ALA A 87 16.65 -3.12 5.87
N LEU A 88 15.52 -3.30 5.20
CA LEU A 88 15.17 -4.63 4.66
C LEU A 88 16.15 -5.04 3.59
N THR A 89 16.63 -4.06 2.82
CA THR A 89 17.58 -4.33 1.76
C THR A 89 18.93 -4.70 2.36
N GLU A 90 19.36 -3.92 3.35
CA GLU A 90 20.61 -4.19 4.06
C GLU A 90 20.52 -5.61 4.64
N ALA A 91 19.35 -5.96 5.17
CA ALA A 91 19.11 -7.28 5.78
C ALA A 91 19.23 -8.42 4.80
N ALA A 92 18.72 -8.23 3.59
CA ALA A 92 18.82 -9.25 2.55
C ALA A 92 20.29 -9.47 2.21
N LYS A 93 21.01 -8.38 1.92
CA LYS A 93 22.40 -8.46 1.54
C LYS A 93 23.21 -9.30 2.51
N SER A 94 23.30 -8.82 3.75
CA SER A 94 24.06 -9.56 4.74
C SER A 94 23.22 -10.70 5.20
N GLY A 95 22.61 -11.37 4.22
CA GLY A 95 21.68 -12.46 4.47
C GLY A 95 21.97 -13.46 3.36
N GLY A 96 22.62 -12.98 2.30
CA GLY A 96 23.01 -13.85 1.19
C GLY A 96 22.34 -13.65 -0.17
N ALA A 97 21.20 -12.96 -0.23
CA ALA A 97 20.51 -12.74 -1.51
C ALA A 97 21.50 -12.24 -2.55
N ASP A 98 21.21 -12.51 -3.83
CA ASP A 98 22.10 -12.07 -4.88
C ASP A 98 21.63 -10.74 -5.46
N ALA A 99 20.40 -10.37 -5.12
CA ALA A 99 19.78 -9.15 -5.60
C ALA A 99 18.50 -8.93 -4.82
N CYS A 100 17.94 -7.74 -4.88
CA CYS A 100 16.71 -7.42 -4.17
C CYS A 100 15.68 -6.82 -5.12
N LEU A 101 14.42 -7.23 -4.94
CA LEU A 101 13.34 -6.73 -5.75
C LEU A 101 12.60 -5.68 -4.90
N LEU A 102 12.55 -4.44 -5.38
CA LEU A 102 11.89 -3.35 -4.64
C LEU A 102 10.70 -2.67 -5.31
N VAL A 103 9.50 -2.92 -4.79
CA VAL A 103 8.27 -2.33 -5.34
C VAL A 103 8.26 -0.85 -5.06
N THR A 104 7.59 -0.07 -5.91
CA THR A 104 7.57 1.37 -5.68
C THR A 104 6.67 1.65 -4.47
N PRO A 105 6.93 2.75 -3.74
CA PRO A 105 6.12 3.12 -2.58
C PRO A 105 4.64 3.02 -2.96
N TYR A 106 3.86 2.30 -2.16
CA TYR A 106 2.44 2.14 -2.46
C TYR A 106 1.45 3.18 -1.98
N TYR A 107 1.06 3.07 -0.73
CA TYR A 107 0.03 3.92 -0.17
C TYR A 107 0.28 5.45 -0.13
N ASN A 108 1.51 5.90 0.07
CA ASN A 108 1.72 7.35 0.13
C ASN A 108 1.79 8.13 -1.20
N LYS A 109 1.76 7.45 -2.35
CA LYS A 109 1.80 8.12 -3.66
C LYS A 109 2.87 9.20 -3.83
N PRO A 110 4.13 8.80 -3.92
CA PRO A 110 5.20 9.78 -4.10
C PRO A 110 5.20 10.43 -5.48
N THR A 111 5.80 11.60 -5.58
CA THR A 111 5.86 12.27 -6.87
C THR A 111 6.84 11.46 -7.74
N GLN A 112 7.05 11.81 -9.01
CA GLN A 112 8.03 11.03 -9.78
C GLN A 112 9.42 11.31 -9.24
N GLU A 113 9.64 12.54 -8.80
CA GLU A 113 10.93 12.94 -8.24
C GLU A 113 11.23 12.22 -6.94
N GLY A 114 10.19 12.03 -6.13
CA GLY A 114 10.35 11.33 -4.86
C GLY A 114 10.70 9.87 -5.10
N MET A 115 10.19 9.29 -6.18
CA MET A 115 10.49 7.91 -6.49
C MET A 115 11.97 7.75 -6.89
N TYR A 116 12.48 8.74 -7.61
CA TYR A 116 13.88 8.74 -8.04
C TYR A 116 14.77 8.82 -6.80
N GLN A 117 14.51 9.80 -5.96
CA GLN A 117 15.30 9.99 -4.75
C GLN A 117 15.23 8.77 -3.85
N HIS A 118 14.03 8.23 -3.72
CA HIS A 118 13.80 7.03 -2.94
C HIS A 118 14.75 5.91 -3.40
N PHE A 119 14.63 5.51 -4.67
CA PHE A 119 15.48 4.43 -5.20
C PHE A 119 16.95 4.77 -5.33
N ARG A 120 17.28 6.01 -5.66
CA ARG A 120 18.69 6.37 -5.75
C ARG A 120 19.29 6.20 -4.35
N HIS A 121 18.55 6.57 -3.31
CA HIS A 121 19.07 6.46 -1.95
C HIS A 121 19.36 5.01 -1.53
N ILE A 122 18.41 4.10 -1.79
CA ILE A 122 18.58 2.70 -1.44
C ILE A 122 19.78 2.14 -2.22
N ALA A 123 19.86 2.52 -3.51
CA ALA A 123 20.93 2.05 -4.39
C ALA A 123 22.27 2.50 -3.88
N GLU A 124 22.28 3.69 -3.31
CA GLU A 124 23.51 4.23 -2.77
C GLU A 124 23.82 3.75 -1.36
N ALA A 125 22.81 3.32 -0.62
CA ALA A 125 22.98 2.87 0.75
C ALA A 125 23.39 1.41 0.95
N VAL A 126 23.09 0.56 -0.01
CA VAL A 126 23.40 -0.84 0.16
C VAL A 126 24.01 -1.46 -1.09
N ALA A 127 25.22 -1.98 -0.93
CA ALA A 127 25.98 -2.61 -2.01
C ALA A 127 25.35 -3.94 -2.44
N ILE A 128 24.26 -3.88 -3.18
CA ILE A 128 23.61 -5.08 -3.68
C ILE A 128 22.74 -4.75 -4.88
N PRO A 129 22.78 -5.59 -5.91
CA PRO A 129 21.96 -5.33 -7.11
C PRO A 129 20.51 -5.10 -6.73
N GLN A 130 19.87 -4.13 -7.37
CA GLN A 130 18.49 -3.81 -7.04
C GLN A 130 17.62 -3.67 -8.31
N ILE A 131 16.49 -4.37 -8.34
CA ILE A 131 15.53 -4.35 -9.45
C ILE A 131 14.31 -3.54 -9.02
N LEU A 132 13.88 -2.65 -9.88
CA LEU A 132 12.72 -1.85 -9.57
C LEU A 132 11.49 -2.73 -9.80
N TYR A 133 10.33 -2.30 -9.32
CA TYR A 133 9.11 -3.08 -9.48
C TYR A 133 7.91 -2.16 -9.63
N ASN A 134 7.36 -2.10 -10.83
CA ASN A 134 6.23 -1.23 -11.09
C ASN A 134 4.90 -1.99 -11.24
N VAL A 135 3.96 -1.80 -10.31
CA VAL A 135 2.66 -2.46 -10.40
C VAL A 135 1.56 -1.55 -9.87
N PRO A 136 1.12 -0.59 -10.69
CA PRO A 136 0.09 0.39 -10.34
C PRO A 136 -1.22 -0.21 -9.86
N GLY A 137 -1.53 -1.45 -10.28
CA GLY A 137 -2.74 -2.09 -9.84
C GLY A 137 -2.74 -2.36 -8.33
N ARG A 138 -1.60 -2.22 -7.66
CA ARG A 138 -1.52 -2.45 -6.21
C ARG A 138 -1.07 -1.18 -5.45
N THR A 139 -0.02 -0.54 -5.96
CA THR A 139 0.55 0.64 -5.31
C THR A 139 -0.27 1.92 -5.42
N SER A 140 -1.10 2.00 -6.46
CA SER A 140 -1.90 3.20 -6.74
C SER A 140 -1.00 4.38 -7.17
N CYS A 141 0.11 4.09 -7.83
CA CYS A 141 0.99 5.13 -8.34
C CYS A 141 1.75 4.46 -9.49
N ASP A 142 2.21 5.23 -10.47
CA ASP A 142 2.91 4.65 -11.63
C ASP A 142 4.28 5.26 -11.90
N MET A 143 5.31 4.43 -11.97
CA MET A 143 6.61 4.99 -12.27
C MET A 143 6.69 5.13 -13.79
N LEU A 144 6.73 6.38 -14.25
CA LEU A 144 6.77 6.64 -15.68
C LEU A 144 8.13 6.27 -16.29
N PRO A 145 8.17 6.08 -17.61
CA PRO A 145 9.42 5.72 -18.30
C PRO A 145 10.59 6.65 -18.03
N GLU A 146 10.34 7.96 -18.07
CA GLU A 146 11.39 8.95 -17.84
C GLU A 146 12.05 8.73 -16.50
N THR A 147 11.26 8.32 -15.52
CA THR A 147 11.82 8.10 -14.21
C THR A 147 12.66 6.83 -14.19
N VAL A 148 12.26 5.85 -15.00
CA VAL A 148 13.03 4.60 -15.07
C VAL A 148 14.40 4.85 -15.69
N GLU A 149 14.41 5.56 -16.83
CA GLU A 149 15.66 5.85 -17.52
C GLU A 149 16.60 6.60 -16.56
N ARG A 150 16.06 7.58 -15.83
CA ARG A 150 16.89 8.30 -14.87
C ARG A 150 17.51 7.30 -13.90
N LEU A 151 16.69 6.40 -13.39
CA LEU A 151 17.17 5.41 -12.44
C LEU A 151 18.10 4.41 -13.10
N SER A 152 17.90 4.15 -14.38
CA SER A 152 18.73 3.17 -15.07
C SER A 152 20.20 3.59 -15.10
N LYS A 153 20.46 4.87 -14.87
CA LYS A 153 21.84 5.38 -14.85
C LYS A 153 22.50 5.15 -13.48
N VAL A 154 21.70 4.85 -12.46
CA VAL A 154 22.21 4.65 -11.10
C VAL A 154 22.98 3.31 -11.03
N PRO A 155 24.21 3.37 -10.51
CA PRO A 155 25.14 2.22 -10.38
C PRO A 155 24.65 0.84 -10.02
N ASN A 156 23.75 0.73 -9.04
CA ASN A 156 23.31 -0.58 -8.59
C ASN A 156 21.96 -1.04 -9.04
N ILE A 157 21.25 -0.19 -9.76
CA ILE A 157 19.94 -0.55 -10.25
C ILE A 157 20.13 -1.27 -11.58
N ILE A 158 20.04 -2.58 -11.50
CA ILE A 158 20.28 -3.46 -12.64
C ILE A 158 19.10 -3.75 -13.56
N GLY A 159 17.88 -3.45 -13.13
CA GLY A 159 16.75 -3.72 -13.99
C GLY A 159 15.42 -3.30 -13.43
N ILE A 160 14.35 -3.67 -14.10
CA ILE A 160 13.02 -3.30 -13.65
C ILE A 160 12.02 -4.41 -13.89
N LYS A 161 11.02 -4.51 -13.01
CA LYS A 161 9.96 -5.52 -13.15
C LYS A 161 8.70 -4.75 -13.58
N GLU A 162 8.36 -4.85 -14.85
CA GLU A 162 7.21 -4.13 -15.38
C GLU A 162 5.95 -4.98 -15.33
N ALA A 163 5.01 -4.62 -14.48
CA ALA A 163 3.81 -5.42 -14.33
C ALA A 163 2.53 -4.89 -14.93
N THR A 164 2.53 -3.67 -15.41
CA THR A 164 1.29 -3.14 -15.99
C THR A 164 0.63 -4.11 -16.97
N GLY A 165 1.43 -4.95 -17.62
CA GLY A 165 0.92 -5.88 -18.60
C GLY A 165 0.65 -5.11 -19.88
N ASP A 166 1.26 -3.93 -19.98
CA ASP A 166 1.10 -3.07 -21.14
C ASP A 166 2.36 -3.17 -21.97
N LEU A 167 2.22 -3.68 -23.19
CA LEU A 167 3.36 -3.84 -24.10
C LEU A 167 3.89 -2.53 -24.65
N GLN A 168 2.99 -1.57 -24.83
CA GLN A 168 3.33 -0.25 -25.33
C GLN A 168 4.26 0.39 -24.30
N ARG A 169 3.93 0.21 -23.03
CA ARG A 169 4.75 0.71 -21.94
C ARG A 169 6.11 0.04 -21.93
N ALA A 170 6.11 -1.29 -21.90
CA ALA A 170 7.37 -2.04 -21.88
C ALA A 170 8.31 -1.63 -23.02
N LYS A 171 7.80 -1.63 -24.24
CA LYS A 171 8.57 -1.23 -25.41
C LYS A 171 9.24 0.11 -25.15
N GLU A 172 8.48 0.98 -24.54
CA GLU A 172 8.93 2.33 -24.24
C GLU A 172 10.03 2.40 -23.19
N VAL A 173 10.03 1.48 -22.26
CA VAL A 173 11.11 1.49 -21.28
C VAL A 173 12.33 0.91 -21.98
N ILE A 174 12.09 -0.09 -22.84
CA ILE A 174 13.19 -0.72 -23.55
C ILE A 174 13.88 0.22 -24.54
N GLU A 175 13.13 1.07 -25.23
CA GLU A 175 13.75 1.99 -26.17
C GLU A 175 14.58 3.05 -25.44
N ARG A 176 14.16 3.45 -24.24
CA ARG A 176 14.89 4.48 -23.47
C ARG A 176 16.08 4.09 -22.59
N VAL A 177 16.36 2.80 -22.44
CA VAL A 177 17.44 2.38 -21.54
C VAL A 177 18.60 1.59 -22.17
N GLY A 178 19.74 1.59 -21.50
CA GLY A 178 20.90 0.87 -22.02
C GLY A 178 20.71 -0.63 -22.08
N LYS A 179 21.47 -1.29 -22.95
CA LYS A 179 21.42 -2.74 -23.11
C LYS A 179 21.71 -3.46 -21.80
N ASP A 180 22.44 -2.78 -20.91
CA ASP A 180 22.81 -3.31 -19.59
C ASP A 180 21.76 -3.04 -18.50
N PHE A 181 20.56 -2.62 -18.92
CA PHE A 181 19.46 -2.42 -17.97
C PHE A 181 18.42 -3.46 -18.39
N LEU A 182 18.24 -4.47 -17.56
CA LEU A 182 17.35 -5.59 -17.87
C LEU A 182 15.88 -5.35 -17.51
N VAL A 183 15.02 -5.58 -18.48
CA VAL A 183 13.59 -5.40 -18.28
C VAL A 183 12.87 -6.74 -18.15
N TYR A 184 12.19 -6.92 -17.03
CA TYR A 184 11.48 -8.17 -16.74
C TYR A 184 9.97 -8.02 -16.78
N SER A 185 9.28 -9.12 -17.09
CA SER A 185 7.84 -9.10 -17.10
C SER A 185 7.34 -9.37 -15.70
N GLY A 186 6.22 -8.75 -15.37
CA GLY A 186 5.57 -8.93 -14.09
C GLY A 186 4.15 -9.42 -14.38
N ASP A 187 3.90 -9.68 -15.66
CA ASP A 187 2.61 -10.15 -16.12
C ASP A 187 2.76 -11.46 -16.88
N ASP A 188 2.37 -12.54 -16.22
CA ASP A 188 2.44 -13.87 -16.80
C ASP A 188 1.80 -14.08 -18.16
N ALA A 189 0.65 -13.48 -18.40
CA ALA A 189 -0.02 -13.68 -19.68
C ALA A 189 0.68 -13.10 -20.89
N THR A 190 1.36 -11.97 -20.74
CA THR A 190 2.00 -11.34 -21.90
C THR A 190 3.51 -11.26 -21.87
N ALA A 191 4.12 -12.00 -20.96
CA ALA A 191 5.55 -12.01 -20.80
C ALA A 191 6.27 -12.38 -22.09
N VAL A 192 5.72 -13.34 -22.82
CA VAL A 192 6.34 -13.82 -24.05
C VAL A 192 6.66 -12.68 -25.01
N GLU A 193 5.69 -11.79 -25.20
CA GLU A 193 5.83 -10.65 -26.08
C GLU A 193 6.83 -9.61 -25.57
N LEU A 194 6.89 -9.49 -24.24
CA LEU A 194 7.81 -8.55 -23.66
C LEU A 194 9.22 -9.02 -23.94
N MET A 195 9.43 -10.32 -23.88
CA MET A 195 10.76 -10.85 -24.12
C MET A 195 11.21 -10.77 -25.58
N LEU A 196 10.27 -10.94 -26.50
CA LEU A 196 10.56 -10.82 -27.92
C LEU A 196 10.94 -9.38 -28.28
N LEU A 197 10.42 -8.42 -27.53
CA LEU A 197 10.74 -7.01 -27.78
C LEU A 197 12.05 -6.62 -27.11
N GLY A 198 12.67 -7.54 -26.38
CA GLY A 198 13.92 -7.19 -25.72
C GLY A 198 13.98 -7.56 -24.24
N GLY A 199 12.82 -7.85 -23.65
CA GLY A 199 12.78 -8.20 -22.24
C GLY A 199 13.77 -9.32 -21.94
N LYS A 200 14.22 -9.40 -20.69
CA LYS A 200 15.18 -10.42 -20.28
C LYS A 200 14.64 -11.44 -19.29
N GLY A 201 13.33 -11.63 -19.24
CA GLY A 201 12.78 -12.62 -18.33
C GLY A 201 11.39 -12.33 -17.81
N ASN A 202 10.89 -13.23 -16.97
CA ASN A 202 9.57 -13.13 -16.38
C ASN A 202 9.59 -13.48 -14.89
N ILE A 203 9.15 -12.59 -14.01
CA ILE A 203 9.10 -12.96 -12.59
C ILE A 203 7.64 -13.41 -12.50
N SER A 204 7.45 -14.72 -12.48
CA SER A 204 6.12 -15.27 -12.55
C SER A 204 5.51 -16.03 -11.41
N VAL A 205 4.17 -16.03 -11.44
CA VAL A 205 3.36 -16.73 -10.47
C VAL A 205 3.15 -18.10 -11.07
N THR A 206 2.96 -18.14 -12.40
CA THR A 206 2.74 -19.38 -13.12
C THR A 206 3.89 -20.36 -12.92
N ALA A 207 5.11 -19.84 -12.79
CA ALA A 207 6.27 -20.69 -12.57
C ALA A 207 6.15 -21.48 -11.27
N ASN A 208 5.29 -21.05 -10.36
CA ASN A 208 5.13 -21.76 -9.09
C ASN A 208 4.66 -23.18 -9.34
N VAL A 209 3.72 -23.33 -10.25
CA VAL A 209 3.16 -24.65 -10.53
C VAL A 209 3.65 -25.34 -11.81
N ALA A 210 4.24 -24.58 -12.73
CA ALA A 210 4.76 -25.12 -13.99
C ALA A 210 6.18 -24.60 -14.25
N PRO A 211 7.11 -24.86 -13.33
CA PRO A 211 8.48 -24.36 -13.55
C PRO A 211 9.13 -24.74 -14.89
N ARG A 212 9.16 -26.02 -15.21
CA ARG A 212 9.79 -26.53 -16.43
C ARG A 212 9.21 -25.82 -17.66
N ALA A 213 7.89 -25.81 -17.78
CA ALA A 213 7.23 -25.18 -18.93
C ALA A 213 7.55 -23.70 -19.03
N MET A 214 7.67 -23.02 -17.90
CA MET A 214 7.97 -21.59 -17.93
C MET A 214 9.42 -21.29 -18.27
N SER A 215 10.36 -22.20 -18.02
CA SER A 215 11.72 -21.86 -18.38
C SER A 215 11.89 -22.17 -19.86
N ASP A 216 11.07 -23.09 -20.36
CA ASP A 216 11.12 -23.46 -21.78
C ASP A 216 10.55 -22.28 -22.57
N LEU A 217 9.48 -21.70 -22.04
CA LEU A 217 8.84 -20.55 -22.67
C LEU A 217 9.79 -19.36 -22.69
N CYS A 218 10.51 -19.15 -21.60
CA CYS A 218 11.41 -18.02 -21.55
C CYS A 218 12.59 -18.19 -22.48
N ALA A 219 13.19 -19.37 -22.48
CA ALA A 219 14.35 -19.60 -23.33
C ALA A 219 14.00 -19.34 -24.79
N ALA A 220 12.87 -19.92 -25.24
CA ALA A 220 12.38 -19.73 -26.60
C ALA A 220 12.25 -18.24 -26.92
N ALA A 221 11.39 -17.57 -26.15
CA ALA A 221 11.18 -16.13 -26.30
C ALA A 221 12.50 -15.38 -26.35
N MET A 222 13.35 -15.60 -25.36
CA MET A 222 14.63 -14.90 -25.30
C MET A 222 15.67 -15.36 -26.36
N ARG A 223 15.34 -16.40 -27.12
CA ARG A 223 16.22 -16.89 -28.18
C ARG A 223 15.67 -16.52 -29.56
N GLY A 224 14.50 -15.89 -29.61
CA GLY A 224 13.93 -15.46 -30.88
C GLY A 224 12.89 -16.40 -31.48
N ASP A 225 12.75 -17.56 -30.87
CA ASP A 225 11.83 -18.57 -31.34
C ASP A 225 10.39 -18.21 -30.96
N ALA A 226 9.92 -17.11 -31.52
CA ALA A 226 8.57 -16.63 -31.29
C ALA A 226 7.50 -17.69 -31.51
N ALA A 227 7.80 -18.71 -32.29
CA ALA A 227 6.77 -19.71 -32.52
C ALA A 227 6.65 -20.72 -31.39
N ALA A 228 7.75 -21.03 -30.75
CA ALA A 228 7.68 -21.98 -29.65
C ALA A 228 7.09 -21.24 -28.45
N ALA A 229 7.51 -20.00 -28.28
CA ALA A 229 7.02 -19.19 -27.18
C ALA A 229 5.51 -19.07 -27.09
N ARG A 230 4.90 -18.65 -28.19
CA ARG A 230 3.46 -18.47 -28.23
C ARG A 230 2.74 -19.80 -28.18
N ALA A 231 3.44 -20.87 -28.50
CA ALA A 231 2.76 -22.17 -28.45
C ALA A 231 2.75 -22.64 -27.01
N ILE A 232 3.89 -22.63 -26.32
CA ILE A 232 3.85 -23.00 -24.92
C ILE A 232 2.85 -22.00 -24.31
N ASN A 233 3.02 -20.72 -24.60
CA ASN A 233 2.14 -19.73 -24.00
C ASN A 233 0.64 -19.96 -24.13
N ASP A 234 0.11 -20.08 -25.34
CA ASP A 234 -1.33 -20.30 -25.44
C ASP A 234 -1.71 -21.64 -24.80
N ARG A 235 -0.74 -22.49 -24.55
CA ARG A 235 -1.09 -23.75 -23.91
C ARG A 235 -1.20 -23.53 -22.42
N LEU A 236 -0.42 -22.57 -21.91
CA LEU A 236 -0.44 -22.24 -20.50
C LEU A 236 -1.50 -21.22 -20.15
N MET A 237 -1.94 -20.48 -21.16
CA MET A 237 -2.91 -19.41 -20.97
C MET A 237 -4.07 -19.63 -20.02
N PRO A 238 -4.63 -20.86 -19.94
CA PRO A 238 -5.74 -20.89 -19.00
C PRO A 238 -5.26 -20.94 -17.54
N LEU A 239 -4.04 -21.43 -17.34
CA LEU A 239 -3.50 -21.48 -16.00
C LEU A 239 -3.18 -20.05 -15.61
N HIS A 240 -2.53 -19.33 -16.52
CA HIS A 240 -2.21 -17.92 -16.32
C HIS A 240 -3.43 -17.21 -15.77
N LYS A 241 -4.54 -17.35 -16.49
CA LYS A 241 -5.76 -16.71 -16.08
C LYS A 241 -6.27 -17.27 -14.75
N ALA A 242 -6.43 -18.58 -14.64
CA ALA A 242 -6.96 -19.16 -13.43
C ALA A 242 -6.17 -18.74 -12.19
N LEU A 243 -4.87 -18.56 -12.34
CA LEU A 243 -4.02 -18.18 -11.22
C LEU A 243 -4.30 -16.78 -10.65
N PHE A 244 -5.32 -16.13 -11.19
CA PHE A 244 -5.68 -14.77 -10.80
C PHE A 244 -7.18 -14.53 -10.59
N ILE A 245 -8.00 -15.59 -10.65
CA ILE A 245 -9.47 -15.44 -10.44
C ILE A 245 -9.79 -14.79 -9.10
N GLU A 246 -8.80 -14.72 -8.22
CA GLU A 246 -8.91 -14.07 -6.92
C GLU A 246 -7.51 -13.55 -6.69
N SER A 247 -7.37 -12.46 -5.94
CA SER A 247 -6.04 -11.92 -5.74
C SER A 247 -4.98 -12.92 -5.36
N ASN A 248 -3.83 -12.71 -5.97
CA ASN A 248 -2.64 -13.51 -5.83
C ASN A 248 -2.00 -13.15 -4.47
N PRO A 249 -1.44 -14.15 -3.73
CA PRO A 249 -1.49 -15.58 -4.11
C PRO A 249 -2.57 -16.48 -3.61
N ILE A 250 -3.80 -16.00 -3.49
CA ILE A 250 -4.84 -16.91 -3.00
C ILE A 250 -4.95 -18.15 -3.89
N PRO A 251 -4.95 -17.97 -5.22
CA PRO A 251 -5.06 -19.18 -6.07
C PRO A 251 -3.81 -20.06 -6.13
N VAL A 252 -2.65 -19.45 -6.35
CA VAL A 252 -1.45 -20.25 -6.47
C VAL A 252 -1.19 -21.15 -5.27
N LYS A 253 -1.57 -20.71 -4.07
CA LYS A 253 -1.40 -21.55 -2.89
C LYS A 253 -2.39 -22.70 -2.95
N TRP A 254 -3.62 -22.43 -3.41
CA TRP A 254 -4.61 -23.50 -3.56
C TRP A 254 -4.03 -24.58 -4.46
N ALA A 255 -3.50 -24.18 -5.60
CA ALA A 255 -2.93 -25.14 -6.52
C ALA A 255 -1.81 -25.87 -5.83
N LEU A 256 -0.91 -25.09 -5.25
CA LEU A 256 0.24 -25.68 -4.60
C LEU A 256 -0.19 -26.68 -3.56
N HIS A 257 -1.28 -26.41 -2.87
CA HIS A 257 -1.71 -27.37 -1.87
C HIS A 257 -2.26 -28.62 -2.56
N GLU A 258 -2.96 -28.43 -3.69
CA GLU A 258 -3.54 -29.54 -4.45
C GLU A 258 -2.51 -30.50 -5.03
N MET A 259 -1.31 -30.01 -5.28
CA MET A 259 -0.24 -30.84 -5.83
C MET A 259 0.53 -31.46 -4.67
N GLY A 260 0.05 -31.21 -3.45
CA GLY A 260 0.69 -31.75 -2.26
C GLY A 260 2.01 -31.12 -1.88
N LEU A 261 2.30 -29.93 -2.39
CA LEU A 261 3.57 -29.28 -2.07
C LEU A 261 3.53 -28.29 -0.87
N ILE A 262 2.37 -27.81 -0.46
CA ILE A 262 2.30 -26.90 0.70
C ILE A 262 1.03 -27.10 1.51
N PRO A 263 1.07 -26.75 2.80
CA PRO A 263 -0.11 -26.89 3.68
C PRO A 263 -1.20 -25.86 3.32
N GLU A 264 -2.37 -25.95 3.96
CA GLU A 264 -3.45 -24.97 3.69
C GLU A 264 -3.27 -23.77 4.61
N GLY A 265 -2.22 -22.98 4.42
CA GLY A 265 -2.00 -21.85 5.30
C GLY A 265 -1.86 -20.55 4.55
N ILE A 266 -2.43 -19.49 5.09
CA ILE A 266 -2.37 -18.20 4.45
C ILE A 266 -2.66 -17.23 5.56
N ARG A 267 -2.04 -16.06 5.55
CA ARG A 267 -2.26 -15.10 6.64
C ARG A 267 -3.24 -13.96 6.34
N LEU A 268 -4.05 -13.63 7.32
CA LEU A 268 -5.00 -12.53 7.23
C LEU A 268 -4.19 -11.30 6.83
N PRO A 269 -4.76 -10.40 6.02
CA PRO A 269 -6.12 -10.41 5.47
C PRO A 269 -6.39 -11.34 4.29
N LEU A 270 -5.44 -12.17 3.92
CA LEU A 270 -5.74 -13.07 2.82
C LEU A 270 -6.64 -14.21 3.29
N THR A 271 -7.36 -14.80 2.35
CA THR A 271 -8.26 -15.90 2.64
C THR A 271 -7.86 -17.05 1.75
N TRP A 272 -8.51 -18.20 1.95
CA TRP A 272 -8.20 -19.36 1.14
C TRP A 272 -9.10 -19.20 -0.07
N LEU A 273 -8.68 -19.78 -1.21
CA LEU A 273 -9.43 -19.65 -2.45
C LEU A 273 -10.86 -20.03 -2.05
N SER A 274 -11.77 -19.08 -2.21
CA SER A 274 -13.16 -19.33 -1.87
C SER A 274 -13.78 -20.36 -2.79
N PRO A 275 -14.44 -21.36 -2.21
CA PRO A 275 -15.14 -22.50 -2.81
C PRO A 275 -15.61 -22.40 -4.28
N HIS A 276 -16.32 -21.35 -4.63
CA HIS A 276 -16.82 -21.16 -6.01
C HIS A 276 -15.71 -21.08 -7.07
N CYS A 277 -14.47 -20.85 -6.65
CA CYS A 277 -13.38 -20.75 -7.63
C CYS A 277 -12.49 -21.99 -7.71
N HIS A 278 -12.77 -22.99 -6.90
CA HIS A 278 -11.96 -24.18 -6.93
C HIS A 278 -11.96 -24.92 -8.26
N ASP A 279 -13.13 -25.24 -8.79
CA ASP A 279 -13.14 -26.06 -10.01
C ASP A 279 -12.65 -25.40 -11.31
N PRO A 280 -12.85 -24.13 -11.50
CA PRO A 280 -12.20 -23.55 -12.69
C PRO A 280 -10.66 -23.71 -12.64
N LEU A 281 -10.04 -23.36 -11.52
CA LEU A 281 -8.58 -23.53 -11.37
C LEU A 281 -8.18 -25.00 -11.45
N ARG A 282 -9.04 -25.88 -10.95
CA ARG A 282 -8.77 -27.32 -11.02
C ARG A 282 -8.82 -27.77 -12.49
N GLN A 283 -9.81 -27.31 -13.25
CA GLN A 283 -9.91 -27.67 -14.66
C GLN A 283 -8.65 -27.22 -15.41
N ALA A 284 -8.24 -25.98 -15.16
CA ALA A 284 -7.08 -25.43 -15.86
C ALA A 284 -5.78 -26.18 -15.54
N MET A 285 -5.71 -26.79 -14.36
CA MET A 285 -4.53 -27.54 -13.97
C MET A 285 -4.51 -28.91 -14.66
N ARG A 286 -5.68 -29.52 -14.82
CA ARG A 286 -5.77 -30.83 -15.47
C ARG A 286 -5.45 -30.76 -16.98
N GLN A 287 -5.85 -29.69 -17.63
CA GLN A 287 -5.62 -29.46 -19.07
C GLN A 287 -4.23 -29.11 -19.31
N THR A 288 -3.69 -28.57 -18.27
CA THR A 288 -2.39 -28.11 -18.47
C THR A 288 -1.42 -29.19 -18.05
N GLY A 289 -1.95 -30.29 -17.53
CA GLY A 289 -1.12 -31.41 -17.13
C GLY A 289 -0.25 -31.22 -15.90
N VAL A 290 -0.55 -30.22 -15.07
CA VAL A 290 0.27 -30.06 -13.87
C VAL A 290 -0.34 -30.90 -12.78
N LEU A 291 -1.62 -31.21 -12.94
CA LEU A 291 -2.34 -32.06 -12.01
C LEU A 291 -2.87 -33.12 -12.97
N ALA A 292 -3.04 -34.35 -12.51
CA ALA A 292 -3.49 -35.41 -13.39
C ALA A 292 -5.00 -35.46 -13.61
N MET B 1 -19.01 12.32 21.56
CA MET B 1 -17.74 13.07 21.37
C MET B 1 -17.14 13.11 19.94
N ILE B 2 -17.13 11.98 19.23
CA ILE B 2 -16.48 11.85 17.91
C ILE B 2 -17.26 12.16 16.61
N ALA B 3 -17.14 13.40 16.11
CA ALA B 3 -17.82 13.82 14.89
C ALA B 3 -17.58 15.30 14.65
N GLY B 4 -18.03 15.80 13.50
CA GLY B 4 -17.84 17.21 13.18
C GLY B 4 -16.57 17.47 12.38
N SER B 5 -15.81 18.49 12.77
CA SER B 5 -14.55 18.78 12.08
C SER B 5 -13.40 18.08 12.78
N MET B 6 -12.89 17.04 12.13
CA MET B 6 -11.81 16.23 12.68
C MET B 6 -10.51 16.38 11.86
N VAL B 7 -9.63 17.29 12.25
CA VAL B 7 -8.40 17.50 11.47
C VAL B 7 -7.51 16.25 11.34
N ALA B 8 -7.12 15.98 10.11
CA ALA B 8 -6.21 14.88 9.82
C ALA B 8 -4.86 15.56 9.96
N LEU B 9 -4.41 15.63 11.22
CA LEU B 9 -3.16 16.29 11.59
C LEU B 9 -1.86 15.73 11.05
N VAL B 10 -1.06 16.67 10.61
CA VAL B 10 0.27 16.49 10.05
C VAL B 10 1.23 16.23 11.23
N THR B 11 2.33 15.52 10.99
CA THR B 11 3.31 15.30 12.04
C THR B 11 4.47 16.21 11.64
N PRO B 12 4.75 17.26 12.43
CA PRO B 12 5.85 18.12 12.02
C PRO B 12 7.24 17.52 12.17
N PHE B 13 8.08 17.76 11.18
CA PHE B 13 9.45 17.31 11.23
C PHE B 13 10.34 18.53 11.10
N ASP B 14 11.53 18.51 11.68
CA ASP B 14 12.41 19.66 11.49
C ASP B 14 13.13 19.40 10.19
N ALA B 15 14.04 20.30 9.82
CA ALA B 15 14.75 20.16 8.55
C ALA B 15 15.55 18.87 8.40
N GLN B 16 15.96 18.25 9.48
CA GLN B 16 16.71 17.01 9.28
C GLN B 16 15.77 15.82 9.36
N GLY B 17 14.48 16.10 9.52
CA GLY B 17 13.47 15.06 9.55
C GLY B 17 13.13 14.45 10.88
N ARG B 18 13.55 15.11 11.96
CA ARG B 18 13.26 14.59 13.28
C ARG B 18 11.94 15.19 13.76
N LEU B 19 11.28 14.49 14.65
CA LEU B 19 10.03 14.96 15.20
C LEU B 19 10.19 16.29 15.88
N ASP B 20 9.23 17.19 15.66
CA ASP B 20 9.31 18.46 16.32
C ASP B 20 8.18 18.62 17.31
N TRP B 21 8.51 18.40 18.57
CA TRP B 21 7.49 18.49 19.60
C TRP B 21 6.95 19.89 19.87
N ASP B 22 7.75 20.94 19.70
CA ASP B 22 7.21 22.27 19.97
C ASP B 22 6.16 22.60 18.93
N SER B 23 6.50 22.28 17.70
CA SER B 23 5.60 22.57 16.61
C SER B 23 4.33 21.70 16.65
N LEU B 24 4.44 20.50 17.23
CA LEU B 24 3.28 19.65 17.36
C LEU B 24 2.35 20.32 18.39
N ALA B 25 2.96 20.86 19.44
CA ALA B 25 2.23 21.53 20.50
C ALA B 25 1.41 22.71 19.93
N LYS B 26 2.02 23.56 19.11
CA LYS B 26 1.27 24.69 18.55
C LYS B 26 0.12 24.22 17.70
N LEU B 27 0.32 23.15 16.96
CA LEU B 27 -0.75 22.68 16.12
C LEU B 27 -1.88 22.24 17.01
N VAL B 28 -1.55 21.67 18.17
CA VAL B 28 -2.58 21.19 19.06
C VAL B 28 -3.31 22.37 19.69
N ASP B 29 -2.53 23.38 20.11
CA ASP B 29 -3.11 24.59 20.70
C ASP B 29 -3.97 25.31 19.68
N PHE B 30 -3.50 25.36 18.45
CA PHE B 30 -4.21 26.00 17.32
C PHE B 30 -5.61 25.39 17.18
N HIS B 31 -5.66 24.07 17.09
CA HIS B 31 -6.91 23.37 16.95
C HIS B 31 -7.79 23.43 18.19
N LEU B 32 -7.19 23.49 19.37
CA LEU B 32 -7.98 23.59 20.59
C LEU B 32 -8.52 25.01 20.63
N GLN B 33 -7.73 25.93 20.09
CA GLN B 33 -8.08 27.33 20.08
C GLN B 33 -9.14 27.67 19.05
N ASP B 34 -8.92 27.25 17.81
CA ASP B 34 -9.88 27.59 16.79
C ASP B 34 -11.12 26.69 16.63
N GLY B 35 -11.40 25.87 17.65
CA GLY B 35 -12.59 25.03 17.64
C GLY B 35 -12.70 23.72 16.86
N THR B 36 -11.59 23.01 16.68
CA THR B 36 -11.62 21.75 15.97
C THR B 36 -12.34 20.71 16.81
N ASN B 37 -13.22 19.92 16.19
CA ASN B 37 -13.97 18.91 16.92
C ASN B 37 -13.18 17.71 17.44
N ALA B 38 -12.24 17.19 16.64
CA ALA B 38 -11.42 16.08 17.11
C ALA B 38 -10.08 16.08 16.40
N ILE B 39 -9.09 15.38 16.92
CA ILE B 39 -7.81 15.31 16.23
C ILE B 39 -7.41 13.88 15.84
N VAL B 40 -7.13 13.66 14.56
CA VAL B 40 -6.66 12.37 14.07
C VAL B 40 -5.12 12.47 14.00
N ALA B 41 -4.45 11.79 14.93
CA ALA B 41 -2.99 11.80 14.95
C ALA B 41 -2.44 10.60 14.21
N VAL B 42 -1.29 10.79 13.56
CA VAL B 42 -0.60 9.71 12.85
C VAL B 42 -1.41 8.90 11.81
N GLY B 43 -2.24 9.58 11.01
CA GLY B 43 -2.98 8.92 9.96
C GLY B 43 -2.21 9.18 8.68
N THR B 44 -2.87 9.10 7.53
CA THR B 44 -2.22 9.35 6.26
C THR B 44 -1.53 10.71 6.14
N THR B 45 -2.23 11.76 6.51
CA THR B 45 -1.68 13.10 6.43
C THR B 45 -0.57 13.31 7.45
N GLY B 46 -0.55 12.49 8.48
CA GLY B 46 0.49 12.59 9.50
C GLY B 46 1.66 11.73 9.08
N GLU B 47 1.68 11.36 7.80
CA GLU B 47 2.73 10.52 7.20
C GLU B 47 3.01 9.28 8.03
N SER B 48 2.00 8.44 8.20
CA SER B 48 2.18 7.25 9.02
C SER B 48 3.21 6.26 8.46
N ALA B 49 3.27 6.15 7.13
CA ALA B 49 4.19 5.23 6.49
C ALA B 49 5.65 5.39 6.93
N THR B 50 6.07 6.62 7.27
CA THR B 50 7.45 6.86 7.66
C THR B 50 7.74 7.12 9.15
N LEU B 51 6.95 6.52 10.02
CA LEU B 51 7.11 6.66 11.47
C LEU B 51 7.38 5.33 12.17
N ASP B 52 8.50 5.19 12.89
CA ASP B 52 8.78 3.96 13.63
C ASP B 52 7.56 3.82 14.47
N VAL B 53 7.52 2.71 15.17
CA VAL B 53 6.47 2.47 16.12
C VAL B 53 6.83 3.27 17.33
N GLU B 54 8.11 3.53 17.49
CA GLU B 54 8.50 4.33 18.63
C GLU B 54 7.86 5.70 18.47
N GLU B 55 8.03 6.32 17.32
CA GLU B 55 7.45 7.65 17.07
C GLU B 55 5.90 7.65 17.12
N HIS B 56 5.30 6.62 16.54
CA HIS B 56 3.87 6.43 16.53
C HIS B 56 3.22 6.64 17.93
N ILE B 57 3.68 5.90 18.95
CA ILE B 57 3.13 6.09 20.31
C ILE B 57 3.59 7.41 20.91
N GLN B 58 4.87 7.78 20.70
CA GLN B 58 5.34 9.05 21.23
C GLN B 58 4.38 10.16 20.78
N VAL B 59 3.95 10.12 19.52
CA VAL B 59 3.05 11.16 19.03
C VAL B 59 1.63 11.05 19.60
N VAL B 60 1.04 9.86 19.55
CA VAL B 60 -0.30 9.72 20.08
C VAL B 60 -0.30 10.24 21.51
N ARG B 61 0.59 9.68 22.34
CA ARG B 61 0.73 10.05 23.75
C ARG B 61 0.85 11.55 23.99
N ARG B 62 1.66 12.23 23.20
CA ARG B 62 1.83 13.65 23.38
C ARG B 62 0.58 14.44 23.02
N VAL B 63 -0.18 13.99 22.04
CA VAL B 63 -1.35 14.75 21.68
C VAL B 63 -2.36 14.55 22.78
N VAL B 64 -2.55 13.28 23.16
CA VAL B 64 -3.48 12.95 24.23
C VAL B 64 -3.18 13.74 25.50
N ASP B 65 -1.93 13.70 25.97
CA ASP B 65 -1.57 14.43 27.21
C ASP B 65 -1.75 15.92 27.12
N GLN B 66 -1.62 16.49 25.92
CA GLN B 66 -1.83 17.91 25.82
C GLN B 66 -3.34 18.17 25.75
N VAL B 67 -4.08 17.31 25.04
CA VAL B 67 -5.51 17.53 24.93
C VAL B 67 -6.26 17.45 26.28
N LYS B 68 -5.70 16.71 27.24
CA LYS B 68 -6.30 16.60 28.57
C LYS B 68 -7.80 16.26 28.59
N GLY B 69 -8.21 15.40 27.65
CA GLY B 69 -9.58 14.93 27.61
C GLY B 69 -10.69 15.83 27.11
N ARG B 70 -10.34 16.96 26.54
CA ARG B 70 -11.37 17.87 26.05
C ARG B 70 -11.80 17.61 24.66
N ILE B 71 -11.00 16.89 23.93
CA ILE B 71 -11.39 16.65 22.56
C ILE B 71 -10.95 15.22 22.34
N PRO B 72 -11.65 14.49 21.47
CA PRO B 72 -11.27 13.11 21.21
C PRO B 72 -9.96 13.09 20.42
N VAL B 73 -9.20 12.01 20.57
CA VAL B 73 -7.94 11.88 19.88
C VAL B 73 -7.89 10.50 19.21
N ILE B 74 -8.07 10.52 17.90
CA ILE B 74 -8.08 9.32 17.08
C ILE B 74 -6.69 9.07 16.53
N ALA B 75 -6.20 7.86 16.72
CA ALA B 75 -4.86 7.50 16.22
C ALA B 75 -5.00 6.57 15.02
N GLY B 76 -4.13 6.72 14.04
CA GLY B 76 -4.18 5.83 12.87
C GLY B 76 -3.48 4.53 13.26
N THR B 77 -4.11 3.40 12.97
CA THR B 77 -3.50 2.11 13.36
C THR B 77 -3.67 1.01 12.32
N GLY B 78 -4.11 1.38 11.12
CA GLY B 78 -4.27 0.38 10.09
C GLY B 78 -2.93 -0.08 9.55
N ALA B 79 -2.93 -1.27 8.93
CA ALA B 79 -1.76 -1.88 8.31
C ALA B 79 -2.28 -2.93 7.34
N ASN B 80 -1.49 -3.32 6.36
CA ASN B 80 -1.98 -4.32 5.42
C ASN B 80 -1.79 -5.75 5.96
N SER B 81 -1.43 -5.84 7.24
CA SER B 81 -1.20 -7.11 7.95
C SER B 81 -2.05 -7.14 9.24
N THR B 82 -3.02 -8.03 9.32
CA THR B 82 -3.89 -8.06 10.50
C THR B 82 -3.16 -8.05 11.85
N ARG B 83 -2.04 -8.75 11.94
CA ARG B 83 -1.30 -8.81 13.20
C ARG B 83 -0.66 -7.48 13.59
N GLU B 84 -0.18 -6.74 12.58
CA GLU B 84 0.44 -5.45 12.79
C GLU B 84 -0.62 -4.42 13.16
N ALA B 85 -1.82 -4.61 12.63
CA ALA B 85 -2.92 -3.68 12.91
C ALA B 85 -3.39 -3.84 14.35
N VAL B 86 -3.36 -5.08 14.84
CA VAL B 86 -3.76 -5.31 16.22
C VAL B 86 -2.69 -4.64 17.08
N ALA B 87 -1.44 -4.91 16.74
CA ALA B 87 -0.30 -4.35 17.45
C ALA B 87 -0.42 -2.86 17.57
N LEU B 88 -0.57 -2.17 16.44
CA LEU B 88 -0.68 -0.71 16.46
C LEU B 88 -1.91 -0.24 17.22
N THR B 89 -3.00 -0.97 17.12
CA THR B 89 -4.23 -0.62 17.79
C THR B 89 -4.05 -0.74 19.30
N GLU B 90 -3.40 -1.81 19.74
CA GLU B 90 -3.11 -2.02 21.15
C GLU B 90 -2.22 -0.87 21.67
N ALA B 91 -1.17 -0.53 20.94
CA ALA B 91 -0.29 0.56 21.35
C ALA B 91 -1.08 1.85 21.51
N ALA B 92 -1.98 2.10 20.57
CA ALA B 92 -2.79 3.32 20.65
C ALA B 92 -3.65 3.33 21.92
N LYS B 93 -4.43 2.28 22.13
CA LYS B 93 -5.31 2.21 23.29
C LYS B 93 -4.51 2.45 24.55
N SER B 94 -3.50 1.59 24.73
CA SER B 94 -2.63 1.64 25.88
C SER B 94 -1.65 2.75 25.57
N GLY B 95 -2.21 3.91 25.27
CA GLY B 95 -1.46 5.11 24.93
C GLY B 95 -2.38 6.29 25.13
N GLY B 96 -3.67 6.00 25.33
CA GLY B 96 -4.64 7.05 25.60
C GLY B 96 -5.60 7.47 24.50
N ALA B 97 -5.39 7.02 23.26
CA ALA B 97 -6.29 7.47 22.21
C ALA B 97 -7.71 7.06 22.59
N ASP B 98 -8.69 7.85 22.15
CA ASP B 98 -10.10 7.58 22.42
C ASP B 98 -10.73 6.69 21.38
N ALA B 99 -10.05 6.59 20.24
CA ALA B 99 -10.53 5.82 19.12
C ALA B 99 -9.37 5.61 18.20
N CYS B 100 -9.49 4.63 17.33
CA CYS B 100 -8.42 4.33 16.35
C CYS B 100 -8.95 4.41 14.94
N LEU B 101 -8.13 4.90 14.02
CA LEU B 101 -8.51 4.99 12.62
C LEU B 101 -7.73 3.90 11.86
N LEU B 102 -8.46 3.00 11.18
CA LEU B 102 -7.87 1.88 10.46
C LEU B 102 -8.15 1.78 8.97
N VAL B 103 -7.19 2.18 8.13
CA VAL B 103 -7.38 2.08 6.68
C VAL B 103 -7.40 0.62 6.24
N THR B 104 -8.03 0.34 5.10
CA THR B 104 -8.11 -1.04 4.65
C THR B 104 -6.74 -1.46 4.13
N PRO B 105 -6.48 -2.76 4.09
CA PRO B 105 -5.23 -3.36 3.59
C PRO B 105 -4.95 -2.79 2.22
N TYR B 106 -3.77 -2.16 2.09
CA TYR B 106 -3.38 -1.45 0.87
C TYR B 106 -2.53 -2.03 -0.24
N TYR B 107 -2.11 -3.28 -0.21
CA TYR B 107 -1.29 -3.69 -1.34
C TYR B 107 -1.53 -5.13 -1.62
N ASN B 108 -2.05 -5.82 -0.63
CA ASN B 108 -2.29 -7.22 -0.85
C ASN B 108 -3.66 -7.52 -1.45
N LYS B 109 -4.49 -6.51 -1.57
CA LYS B 109 -5.81 -6.66 -2.16
C LYS B 109 -6.59 -7.85 -1.63
N PRO B 110 -7.07 -7.74 -0.39
CA PRO B 110 -7.83 -8.87 0.16
C PRO B 110 -9.27 -8.94 -0.32
N THR B 111 -9.82 -10.14 -0.33
CA THR B 111 -11.21 -10.32 -0.74
C THR B 111 -12.13 -9.50 0.20
N GLN B 112 -13.41 -9.35 -0.16
CA GLN B 112 -14.36 -8.63 0.69
C GLN B 112 -14.50 -9.40 1.99
N GLU B 113 -14.47 -10.73 1.90
CA GLU B 113 -14.59 -11.56 3.09
C GLU B 113 -13.38 -11.36 3.98
N GLY B 114 -12.21 -11.30 3.33
CA GLY B 114 -10.95 -11.08 4.03
C GLY B 114 -10.96 -9.75 4.75
N MET B 115 -11.52 -8.72 4.13
CA MET B 115 -11.60 -7.43 4.81
C MET B 115 -12.50 -7.54 6.05
N TYR B 116 -13.56 -8.34 5.97
CA TYR B 116 -14.46 -8.53 7.11
C TYR B 116 -13.77 -9.23 8.27
N GLN B 117 -13.10 -10.35 7.97
CA GLN B 117 -12.40 -11.10 8.99
C GLN B 117 -11.32 -10.27 9.67
N HIS B 118 -10.54 -9.58 8.84
CA HIS B 118 -9.47 -8.71 9.28
C HIS B 118 -9.98 -7.66 10.29
N PHE B 119 -10.96 -6.84 9.89
CA PHE B 119 -11.49 -5.81 10.80
C PHE B 119 -12.21 -6.42 12.01
N ARG B 120 -12.82 -7.58 11.82
CA ARG B 120 -13.51 -8.24 12.90
C ARG B 120 -12.45 -8.64 13.94
N HIS B 121 -11.32 -9.16 13.48
CA HIS B 121 -10.30 -9.58 14.42
C HIS B 121 -9.76 -8.43 15.28
N ILE B 122 -9.49 -7.29 14.65
CA ILE B 122 -8.97 -6.12 15.35
C ILE B 122 -9.96 -5.63 16.40
N ALA B 123 -11.25 -5.64 16.05
CA ALA B 123 -12.31 -5.19 16.96
C ALA B 123 -12.50 -6.11 18.17
N GLU B 124 -12.33 -7.43 17.97
CA GLU B 124 -12.44 -8.37 19.09
C GLU B 124 -11.15 -8.28 19.89
N ALA B 125 -10.02 -8.12 19.20
CA ALA B 125 -8.73 -8.10 19.90
C ALA B 125 -8.38 -6.91 20.78
N VAL B 126 -8.99 -5.76 20.55
CA VAL B 126 -8.62 -4.63 21.36
C VAL B 126 -9.84 -3.82 21.73
N ALA B 127 -10.03 -3.66 23.03
CA ALA B 127 -11.18 -2.92 23.57
C ALA B 127 -11.02 -1.42 23.37
N ILE B 128 -11.32 -0.94 22.16
CA ILE B 128 -11.22 0.47 21.86
C ILE B 128 -12.03 0.78 20.60
N PRO B 129 -12.72 1.94 20.58
CA PRO B 129 -13.52 2.31 19.40
C PRO B 129 -12.66 2.30 18.15
N GLN B 130 -13.21 1.75 17.07
CA GLN B 130 -12.48 1.65 15.79
C GLN B 130 -13.30 2.14 14.60
N ILE B 131 -12.69 2.97 13.77
CA ILE B 131 -13.32 3.56 12.59
C ILE B 131 -12.61 2.99 11.37
N LEU B 132 -13.38 2.48 10.36
CA LEU B 132 -12.87 1.98 9.10
C LEU B 132 -12.57 3.16 8.18
N TYR B 133 -11.72 3.05 7.25
CA TYR B 133 -11.29 4.04 6.31
C TYR B 133 -11.26 3.39 4.95
N ASN B 134 -11.90 3.80 3.99
CA ASN B 134 -11.96 3.31 2.63
C ASN B 134 -11.50 4.40 1.67
N VAL B 135 -10.35 4.23 1.04
CA VAL B 135 -9.84 5.20 0.08
C VAL B 135 -9.13 4.42 -1.00
N PRO B 136 -9.91 3.89 -1.95
CA PRO B 136 -9.39 3.08 -3.06
C PRO B 136 -8.29 3.71 -3.90
N GLY B 137 -8.31 5.03 -4.04
CA GLY B 137 -7.30 5.70 -4.83
C GLY B 137 -5.90 5.63 -4.24
N ARG B 138 -5.74 4.97 -3.09
CA ARG B 138 -4.42 4.82 -2.48
C ARG B 138 -4.20 3.34 -2.29
N THR B 139 -5.22 2.70 -1.70
CA THR B 139 -5.19 1.29 -1.34
C THR B 139 -5.35 0.27 -2.48
N SER B 140 -5.70 0.72 -3.68
CA SER B 140 -5.93 -0.18 -4.83
C SER B 140 -6.97 -1.27 -4.57
N CYS B 141 -7.86 -1.04 -3.62
CA CYS B 141 -8.91 -2.00 -3.33
C CYS B 141 -10.10 -1.19 -2.82
N ASP B 142 -11.31 -1.75 -2.79
CA ASP B 142 -12.45 -0.98 -2.32
C ASP B 142 -13.39 -1.81 -1.47
N MET B 143 -13.65 -1.34 -0.25
CA MET B 143 -14.54 -2.08 0.61
C MET B 143 -15.97 -1.77 0.17
N LEU B 144 -16.73 -2.80 -0.18
CA LEU B 144 -18.08 -2.58 -0.64
C LEU B 144 -19.09 -2.29 0.45
N PRO B 145 -20.21 -1.66 0.07
CA PRO B 145 -21.27 -1.32 1.00
C PRO B 145 -21.78 -2.48 1.86
N GLU B 146 -21.76 -3.68 1.30
CA GLU B 146 -22.25 -4.85 2.04
C GLU B 146 -21.24 -5.26 3.10
N THR B 147 -19.96 -4.95 2.86
CA THR B 147 -18.98 -5.32 3.87
C THR B 147 -19.02 -4.32 5.02
N VAL B 148 -19.40 -3.08 4.74
CA VAL B 148 -19.53 -2.10 5.80
C VAL B 148 -20.74 -2.46 6.68
N GLU B 149 -21.88 -2.82 6.08
CA GLU B 149 -23.04 -3.18 6.90
C GLU B 149 -22.71 -4.35 7.85
N ARG B 150 -22.03 -5.38 7.33
CA ARG B 150 -21.65 -6.53 8.15
C ARG B 150 -20.76 -6.07 9.31
N LEU B 151 -19.74 -5.27 9.01
CA LEU B 151 -18.85 -4.81 10.06
C LEU B 151 -19.53 -3.82 11.01
N SER B 152 -20.60 -3.18 10.55
CA SER B 152 -21.30 -2.20 11.38
C SER B 152 -22.03 -2.89 12.52
N LYS B 153 -22.12 -4.22 12.44
CA LYS B 153 -22.80 -4.96 13.46
C LYS B 153 -21.84 -5.47 14.53
N VAL B 154 -20.57 -5.18 14.38
CA VAL B 154 -19.57 -5.57 15.35
C VAL B 154 -19.52 -4.53 16.42
N PRO B 155 -19.64 -4.98 17.64
CA PRO B 155 -19.64 -4.15 18.86
C PRO B 155 -18.92 -2.81 18.85
N ASN B 156 -17.60 -2.79 18.68
CA ASN B 156 -16.95 -1.48 18.76
C ASN B 156 -16.32 -0.91 17.52
N ILE B 157 -16.95 -1.19 16.39
CA ILE B 157 -16.56 -0.61 15.14
C ILE B 157 -17.64 0.48 15.03
N ILE B 158 -17.28 1.69 15.45
CA ILE B 158 -18.20 2.83 15.52
C ILE B 158 -18.50 3.64 14.24
N GLY B 159 -17.75 3.41 13.17
CA GLY B 159 -18.02 4.18 11.98
C GLY B 159 -17.08 3.88 10.83
N ILE B 160 -17.09 4.77 9.83
CA ILE B 160 -16.24 4.61 8.67
C ILE B 160 -15.89 5.95 8.07
N LYS B 161 -14.68 6.05 7.53
CA LYS B 161 -14.23 7.25 6.87
C LYS B 161 -14.25 6.93 5.37
N GLU B 162 -15.33 7.36 4.71
CA GLU B 162 -15.51 7.08 3.29
C GLU B 162 -14.85 8.19 2.48
N ALA B 163 -13.81 7.82 1.73
CA ALA B 163 -13.01 8.77 0.96
C ALA B 163 -13.14 8.78 -0.54
N THR B 164 -14.03 7.97 -1.10
CA THR B 164 -14.17 7.95 -2.55
C THR B 164 -14.54 9.32 -3.11
N GLY B 165 -15.42 10.03 -2.40
CA GLY B 165 -15.88 11.31 -2.88
C GLY B 165 -17.11 11.05 -3.74
N ASP B 166 -17.52 9.79 -3.79
CA ASP B 166 -18.68 9.35 -4.53
C ASP B 166 -19.86 9.40 -3.57
N LEU B 167 -20.81 10.30 -3.82
CA LEU B 167 -21.96 10.44 -2.92
C LEU B 167 -23.04 9.36 -3.01
N GLN B 168 -23.15 8.70 -4.16
CA GLN B 168 -24.11 7.61 -4.34
C GLN B 168 -23.71 6.55 -3.35
N ARG B 169 -22.39 6.43 -3.23
CA ARG B 169 -21.76 5.48 -2.36
C ARG B 169 -22.03 5.81 -0.89
N ALA B 170 -21.87 7.07 -0.54
CA ALA B 170 -22.11 7.52 0.83
C ALA B 170 -23.57 7.28 1.25
N LYS B 171 -24.51 7.58 0.34
CA LYS B 171 -25.92 7.38 0.63
C LYS B 171 -26.12 5.90 0.91
N GLU B 172 -25.70 5.06 -0.04
CA GLU B 172 -25.85 3.63 0.15
C GLU B 172 -25.37 3.14 1.52
N VAL B 173 -24.16 3.51 1.94
CA VAL B 173 -23.67 3.12 3.27
C VAL B 173 -24.55 3.67 4.39
N ILE B 174 -24.97 4.93 4.25
CA ILE B 174 -25.81 5.56 5.25
C ILE B 174 -27.15 4.83 5.37
N GLU B 175 -27.76 4.58 4.22
CA GLU B 175 -29.03 3.89 4.16
C GLU B 175 -28.94 2.49 4.81
N ARG B 176 -27.87 1.74 4.52
CA ARG B 176 -27.67 0.39 5.05
C ARG B 176 -27.33 0.25 6.55
N VAL B 177 -26.60 1.21 7.11
CA VAL B 177 -26.18 1.11 8.52
C VAL B 177 -27.13 1.62 9.59
N GLY B 178 -26.91 1.17 10.82
CA GLY B 178 -27.73 1.60 11.93
C GLY B 178 -27.32 3.04 12.19
N LYS B 179 -28.19 3.80 12.86
CA LYS B 179 -27.90 5.20 13.16
C LYS B 179 -26.89 5.37 14.30
N ASP B 180 -26.35 4.26 14.79
CA ASP B 180 -25.30 4.36 15.80
C ASP B 180 -23.96 3.97 15.14
N PHE B 181 -23.98 3.93 13.81
CA PHE B 181 -22.77 3.67 13.02
C PHE B 181 -22.59 4.95 12.22
N LEU B 182 -21.51 5.68 12.49
CA LEU B 182 -21.33 6.96 11.84
C LEU B 182 -20.50 7.00 10.57
N VAL B 183 -20.99 7.72 9.57
CA VAL B 183 -20.29 7.86 8.31
C VAL B 183 -19.61 9.24 8.24
N TYR B 184 -18.30 9.22 8.07
CA TYR B 184 -17.49 10.45 7.99
C TYR B 184 -16.95 10.59 6.60
N SER B 185 -16.65 11.84 6.22
CA SER B 185 -16.12 12.09 4.90
C SER B 185 -14.62 12.00 4.89
N GLY B 186 -14.08 11.60 3.74
CA GLY B 186 -12.63 11.51 3.56
C GLY B 186 -12.25 12.35 2.37
N ASP B 187 -13.22 13.09 1.81
CA ASP B 187 -13.01 13.95 0.65
C ASP B 187 -13.46 15.38 0.97
N ASP B 188 -12.53 16.23 1.36
CA ASP B 188 -12.83 17.63 1.71
C ASP B 188 -13.81 18.42 0.84
N ALA B 189 -13.73 18.27 -0.48
CA ALA B 189 -14.60 19.02 -1.37
C ALA B 189 -16.08 18.63 -1.33
N THR B 190 -16.36 17.38 -0.99
CA THR B 190 -17.75 16.92 -0.96
C THR B 190 -18.28 16.55 0.42
N ALA B 191 -17.47 16.77 1.46
CA ALA B 191 -17.87 16.43 2.82
C ALA B 191 -19.20 17.04 3.20
N VAL B 192 -19.45 18.28 2.76
CA VAL B 192 -20.71 18.97 3.05
C VAL B 192 -21.89 18.15 2.59
N GLU B 193 -21.81 17.61 1.37
CA GLU B 193 -22.90 16.81 0.83
C GLU B 193 -23.03 15.50 1.58
N LEU B 194 -21.89 14.96 2.03
CA LEU B 194 -21.93 13.71 2.78
C LEU B 194 -22.68 13.89 4.10
N MET B 195 -22.44 15.00 4.78
CA MET B 195 -23.11 15.25 6.06
C MET B 195 -24.57 15.63 5.84
N LEU B 196 -24.83 16.42 4.80
CA LEU B 196 -26.19 16.80 4.49
C LEU B 196 -26.99 15.52 4.21
N LEU B 197 -26.31 14.44 3.80
CA LEU B 197 -26.96 13.17 3.50
C LEU B 197 -27.17 12.23 4.68
N GLY B 198 -26.65 12.61 5.83
CA GLY B 198 -26.76 11.75 7.00
C GLY B 198 -25.42 11.53 7.64
N GLY B 199 -24.35 11.93 6.95
CA GLY B 199 -23.00 11.78 7.50
C GLY B 199 -22.80 12.54 8.79
N LYS B 200 -21.77 12.18 9.57
CA LYS B 200 -21.53 12.83 10.86
C LYS B 200 -20.21 13.55 11.00
N GLY B 201 -19.49 13.74 9.90
CA GLY B 201 -18.23 14.45 9.98
C GLY B 201 -17.30 14.39 8.78
N ASN B 202 -16.18 15.13 8.92
CA ASN B 202 -15.14 15.23 7.92
C ASN B 202 -13.77 15.13 8.61
N ILE B 203 -13.05 14.06 8.28
CA ILE B 203 -11.71 13.86 8.81
C ILE B 203 -10.99 14.62 7.68
N SER B 204 -10.83 15.91 7.92
CA SER B 204 -10.32 16.91 7.00
C SER B 204 -8.85 17.26 6.91
N VAL B 205 -8.39 17.52 5.68
CA VAL B 205 -7.02 17.99 5.44
C VAL B 205 -7.09 19.53 5.47
N THR B 206 -8.10 20.09 4.80
CA THR B 206 -8.31 21.54 4.76
C THR B 206 -8.40 22.10 6.18
N ALA B 207 -8.84 21.26 7.11
CA ALA B 207 -8.96 21.70 8.48
C ALA B 207 -7.57 22.02 9.08
N ASN B 208 -6.51 21.53 8.45
CA ASN B 208 -5.16 21.79 8.94
C ASN B 208 -4.85 23.28 8.89
N VAL B 209 -5.32 23.95 7.85
CA VAL B 209 -5.06 25.37 7.66
C VAL B 209 -6.23 26.34 7.98
N ALA B 210 -7.43 25.79 8.08
CA ALA B 210 -8.64 26.56 8.37
C ALA B 210 -9.52 25.80 9.35
N PRO B 211 -9.04 25.59 10.58
CA PRO B 211 -9.87 24.87 11.56
C PRO B 211 -11.22 25.53 11.78
N ARG B 212 -11.19 26.80 12.13
CA ARG B 212 -12.43 27.52 12.38
C ARG B 212 -13.45 27.44 11.25
N ALA B 213 -13.04 27.67 10.00
CA ALA B 213 -14.01 27.63 8.91
C ALA B 213 -14.61 26.24 8.72
N MET B 214 -13.78 25.21 8.85
CA MET B 214 -14.23 23.85 8.68
C MET B 214 -15.15 23.42 9.82
N SER B 215 -14.92 23.96 11.02
CA SER B 215 -15.75 23.61 12.15
C SER B 215 -17.15 24.18 11.88
N ASP B 216 -17.21 25.45 11.51
CA ASP B 216 -18.47 26.10 11.20
C ASP B 216 -19.17 25.40 10.03
N LEU B 217 -18.40 25.02 9.01
CA LEU B 217 -18.97 24.33 7.86
C LEU B 217 -19.63 23.03 8.29
N CYS B 218 -18.95 22.27 9.12
CA CYS B 218 -19.49 21.01 9.59
C CYS B 218 -20.73 21.17 10.45
N ALA B 219 -20.75 22.24 11.24
CA ALA B 219 -21.89 22.49 12.14
C ALA B 219 -23.14 22.77 11.32
N ALA B 220 -23.03 23.72 10.39
CA ALA B 220 -24.14 24.02 9.51
C ALA B 220 -24.60 22.74 8.81
N ALA B 221 -23.68 22.08 8.11
CA ALA B 221 -23.94 20.86 7.37
C ALA B 221 -24.66 19.80 8.17
N MET B 222 -24.19 19.59 9.40
CA MET B 222 -24.75 18.60 10.30
C MET B 222 -26.03 19.07 10.99
N ARG B 223 -26.36 20.35 10.87
CA ARG B 223 -27.60 20.86 11.45
C ARG B 223 -28.69 20.69 10.41
N GLY B 224 -28.32 20.94 9.15
CA GLY B 224 -29.28 20.84 8.07
C GLY B 224 -29.30 22.17 7.35
N ASP B 225 -28.42 23.07 7.74
CA ASP B 225 -28.38 24.38 7.11
C ASP B 225 -27.59 24.29 5.79
N ALA B 226 -28.17 23.56 4.85
CA ALA B 226 -27.59 23.33 3.54
C ALA B 226 -27.04 24.59 2.88
N ALA B 227 -27.82 25.67 2.88
CA ALA B 227 -27.38 26.90 2.24
C ALA B 227 -26.15 27.50 2.89
N ALA B 228 -26.05 27.39 4.21
CA ALA B 228 -24.89 27.93 4.90
C ALA B 228 -23.67 27.05 4.65
N ALA B 229 -23.87 25.74 4.67
CA ALA B 229 -22.78 24.81 4.49
C ALA B 229 -22.12 24.94 3.13
N ARG B 230 -22.94 24.93 2.09
CA ARG B 230 -22.45 25.03 0.73
C ARG B 230 -21.84 26.38 0.44
N ALA B 231 -22.30 27.42 1.14
CA ALA B 231 -21.72 28.75 0.96
C ALA B 231 -20.32 28.78 1.55
N ILE B 232 -20.17 28.21 2.75
CA ILE B 232 -18.85 28.17 3.37
C ILE B 232 -17.96 27.35 2.45
N ASN B 233 -18.56 26.31 1.90
CA ASN B 233 -17.81 25.41 1.04
C ASN B 233 -17.32 25.95 -0.32
N ASP B 234 -18.18 26.50 -1.17
CA ASP B 234 -17.67 27.02 -2.45
C ASP B 234 -16.68 28.14 -2.15
N ARG B 235 -16.78 28.71 -0.97
CA ARG B 235 -15.85 29.75 -0.54
C ARG B 235 -14.51 29.04 -0.34
N LEU B 236 -14.51 27.98 0.47
CA LEU B 236 -13.31 27.19 0.72
C LEU B 236 -12.79 26.41 -0.47
N MET B 237 -13.64 26.21 -1.46
CA MET B 237 -13.31 25.38 -2.61
C MET B 237 -11.92 25.53 -3.24
N PRO B 238 -11.41 26.77 -3.37
CA PRO B 238 -10.08 26.79 -4.00
C PRO B 238 -8.96 26.24 -3.11
N LEU B 239 -9.19 26.22 -1.79
CA LEU B 239 -8.21 25.68 -0.84
C LEU B 239 -8.30 24.16 -0.92
N HIS B 240 -9.52 23.64 -0.97
CA HIS B 240 -9.73 22.21 -1.10
C HIS B 240 -8.91 21.71 -2.28
N LYS B 241 -9.13 22.35 -3.43
CA LYS B 241 -8.43 21.99 -4.64
C LYS B 241 -6.90 22.12 -4.48
N ALA B 242 -6.43 23.32 -4.16
CA ALA B 242 -4.98 23.54 -4.04
C ALA B 242 -4.28 22.56 -3.10
N LEU B 243 -4.91 22.23 -1.97
CA LEU B 243 -4.31 21.33 -0.99
C LEU B 243 -4.04 19.92 -1.49
N PHE B 244 -4.26 19.69 -2.79
CA PHE B 244 -4.04 18.38 -3.38
C PHE B 244 -3.34 18.51 -4.72
N ILE B 245 -2.72 19.67 -4.95
CA ILE B 245 -2.00 19.96 -6.21
C ILE B 245 -0.92 18.90 -6.45
N GLU B 246 -0.50 18.26 -5.36
CA GLU B 246 0.48 17.18 -5.35
C GLU B 246 -0.04 16.27 -4.23
N SER B 247 0.31 14.99 -4.24
CA SER B 247 -0.19 14.11 -3.20
C SER B 247 -0.14 14.67 -1.80
N ASN B 248 -1.29 14.69 -1.16
CA ASN B 248 -1.36 15.13 0.22
C ASN B 248 -0.52 14.07 0.93
N PRO B 249 0.23 14.44 1.99
CA PRO B 249 0.36 15.73 2.68
C PRO B 249 1.39 16.73 2.13
N ILE B 250 1.89 16.51 0.93
CA ILE B 250 2.90 17.44 0.43
C ILE B 250 2.45 18.90 0.43
N PRO B 251 1.29 19.21 -0.15
CA PRO B 251 0.83 20.60 -0.17
C PRO B 251 0.52 21.17 1.22
N VAL B 252 -0.33 20.49 1.99
CA VAL B 252 -0.68 20.97 3.31
C VAL B 252 0.51 21.32 4.21
N LYS B 253 1.61 20.59 4.08
CA LYS B 253 2.78 20.91 4.92
C LYS B 253 3.36 22.25 4.49
N TRP B 254 3.43 22.49 3.19
CA TRP B 254 3.92 23.76 2.65
C TRP B 254 3.10 24.86 3.27
N ALA B 255 1.79 24.73 3.12
CA ALA B 255 0.85 25.72 3.66
C ALA B 255 1.15 25.97 5.14
N LEU B 256 1.31 24.90 5.90
CA LEU B 256 1.56 25.02 7.34
C LEU B 256 2.87 25.71 7.67
N HIS B 257 3.87 25.52 6.81
CA HIS B 257 5.14 26.16 7.09
C HIS B 257 5.09 27.65 6.69
N GLU B 258 4.31 27.97 5.66
CA GLU B 258 4.18 29.36 5.22
C GLU B 258 3.50 30.16 6.31
N MET B 259 2.62 29.47 7.05
CA MET B 259 1.86 30.09 8.11
C MET B 259 2.67 30.27 9.40
N GLY B 260 3.89 29.72 9.44
CA GLY B 260 4.76 29.84 10.61
C GLY B 260 4.54 28.77 11.67
N LEU B 261 3.75 27.75 11.34
CA LEU B 261 3.38 26.71 12.30
C LEU B 261 4.24 25.44 12.38
N ILE B 262 4.88 25.06 11.26
CA ILE B 262 5.74 23.88 11.25
C ILE B 262 6.99 24.13 10.40
N PRO B 263 8.04 23.34 10.61
CA PRO B 263 9.29 23.45 9.84
C PRO B 263 9.12 22.90 8.42
N GLU B 264 10.19 22.96 7.62
CA GLU B 264 10.16 22.43 6.25
C GLU B 264 10.74 21.02 6.30
N GLY B 265 10.02 20.08 6.89
CA GLY B 265 10.53 18.74 6.99
C GLY B 265 9.51 17.68 6.63
N ILE B 266 9.82 16.89 5.59
CA ILE B 266 8.93 15.85 5.09
C ILE B 266 9.84 14.63 4.90
N ARG B 267 9.33 13.41 5.05
CA ARG B 267 10.16 12.19 4.91
C ARG B 267 10.04 11.46 3.57
N LEU B 268 11.18 11.00 3.07
CA LEU B 268 11.19 10.29 1.80
C LEU B 268 10.28 9.06 1.98
N PRO B 269 9.63 8.59 0.89
CA PRO B 269 9.63 9.11 -0.48
C PRO B 269 8.84 10.39 -0.80
N LEU B 270 8.41 11.14 0.20
CA LEU B 270 7.72 12.38 -0.11
C LEU B 270 8.79 13.46 -0.38
N THR B 271 8.38 14.53 -1.05
CA THR B 271 9.22 15.63 -1.43
C THR B 271 8.50 16.89 -1.03
N TRP B 272 9.20 18.02 -1.00
CA TRP B 272 8.56 19.26 -0.60
C TRP B 272 7.87 19.79 -1.84
N LEU B 273 6.78 20.51 -1.64
CA LEU B 273 5.98 21.06 -2.73
C LEU B 273 6.90 21.57 -3.83
N SER B 274 6.82 20.98 -5.01
CA SER B 274 7.68 21.40 -6.11
C SER B 274 7.40 22.83 -6.57
N PRO B 275 8.46 23.64 -6.68
CA PRO B 275 8.49 25.04 -7.09
C PRO B 275 7.35 25.56 -7.94
N HIS B 276 6.89 24.78 -8.91
CA HIS B 276 5.83 25.29 -9.77
C HIS B 276 4.44 25.28 -9.16
N CYS B 277 4.31 24.88 -7.89
CA CYS B 277 2.98 24.85 -7.29
C CYS B 277 2.85 25.84 -6.16
N HIS B 278 3.91 26.58 -5.91
CA HIS B 278 3.88 27.49 -4.81
C HIS B 278 2.90 28.60 -4.96
N ASP B 279 2.92 29.28 -6.10
CA ASP B 279 2.02 30.40 -6.13
C ASP B 279 0.56 30.07 -6.26
N PRO B 280 0.21 28.95 -6.92
CA PRO B 280 -1.22 28.66 -6.99
C PRO B 280 -1.76 28.40 -5.57
N LEU B 281 -0.98 27.72 -4.73
CA LEU B 281 -1.42 27.45 -3.36
C LEU B 281 -1.33 28.68 -2.47
N ARG B 282 -0.39 29.58 -2.77
CA ARG B 282 -0.30 30.79 -1.98
C ARG B 282 -1.56 31.61 -2.27
N GLN B 283 -1.92 31.70 -3.55
CA GLN B 283 -3.11 32.43 -3.99
C GLN B 283 -4.36 31.90 -3.29
N ALA B 284 -4.53 30.58 -3.29
CA ALA B 284 -5.72 30.02 -2.68
C ALA B 284 -5.79 30.31 -1.17
N MET B 285 -4.63 30.34 -0.50
CA MET B 285 -4.58 30.63 0.92
C MET B 285 -4.97 32.09 1.18
N ARG B 286 -4.54 32.99 0.31
CA ARG B 286 -4.84 34.41 0.46
C ARG B 286 -6.31 34.73 0.16
N GLN B 287 -6.85 34.00 -0.80
CA GLN B 287 -8.25 34.11 -1.23
C GLN B 287 -9.18 33.61 -0.15
N THR B 288 -8.70 32.68 0.66
CA THR B 288 -9.56 32.13 1.70
C THR B 288 -9.36 32.84 3.03
N GLY B 289 -8.37 33.71 3.08
CA GLY B 289 -8.12 34.43 4.30
C GLY B 289 -7.25 33.67 5.27
N VAL B 290 -6.65 32.56 4.86
CA VAL B 290 -5.80 31.87 5.83
C VAL B 290 -4.46 32.62 5.92
N LEU B 291 -3.98 33.12 4.78
CA LEU B 291 -2.76 33.93 4.72
C LEU B 291 -3.22 35.32 4.33
N ALA B 292 -2.71 36.36 4.98
CA ALA B 292 -3.16 37.73 4.64
C ALA B 292 -2.53 38.24 3.31
C1 3OH C . 7.35 -11.06 -6.47
O1 3OH C . 6.33 -11.21 -7.09
O2 3OH C . 8.10 -9.99 -6.69
C2 3OH C . 7.78 -12.01 -5.39
C3 3OH C . 6.86 -13.14 -5.05
O3 3OH C . 7.46 -13.93 -4.03
C1 3OH D . -6.63 11.44 1.86
O1 3OH D . -7.04 10.31 1.90
O2 3OH D . -5.62 11.77 1.01
C2 3OH D . -7.20 12.53 2.75
C3 3OH D . -8.22 12.03 3.75
O3 3OH D . -8.71 13.12 4.53
#